data_1YFZ
#
_entry.id   1YFZ
#
_cell.length_a   65.770
_cell.length_b   137.730
_cell.length_c   95.270
_cell.angle_alpha   90.00
_cell.angle_beta   90.00
_cell.angle_gamma   90.00
#
_symmetry.space_group_name_H-M   'C 2 2 21'
#
loop_
_entity.id
_entity.type
_entity.pdbx_description
1 polymer 'Hypoxanthine-guanine phosphoribosyltransferase'
2 non-polymer 'ACETATE ION'
3 non-polymer 'MAGNESIUM ION'
4 non-polymer 'INOSINIC ACID'
5 water water
#
_entity_poly.entity_id   1
_entity_poly.type   'polypeptide(L)'
_entity_poly.pdbx_seq_one_letter_code
;MASMTGGQQMGRGSSTSLYKKAGLMPSPMEDIEEILITEEQLKAKVKELGEMITRDYEGKDLVLIGVLKGAIMFMSGLSR
AIDLPLSIDFLAVSSYGSSTKSSGIVKIIKDHDIDIEGKDVLIVEDIIDSGLTLAYLRETLLGRKPRSLKICTILDKPER
READVKVDYCGFKIPDKFVVGYGLDYAEKYRNLPFIGVLKPELYK
;
_entity_poly.pdbx_strand_id   A,B
#
# COMPACT_ATOMS: atom_id res chain seq x y z
N SER A 27 14.80 24.55 -28.12
CA SER A 27 14.91 23.09 -27.91
C SER A 27 15.36 22.83 -26.49
N PRO A 28 14.51 22.16 -25.69
CA PRO A 28 14.81 21.85 -24.30
C PRO A 28 16.27 21.57 -24.00
N MET A 29 17.00 21.08 -25.01
CA MET A 29 18.41 20.77 -24.85
C MET A 29 19.23 22.05 -24.64
N GLU A 30 18.65 23.20 -25.00
CA GLU A 30 19.33 24.47 -24.82
C GLU A 30 19.19 24.96 -23.39
N ASP A 31 18.25 24.35 -22.66
CA ASP A 31 18.00 24.70 -21.27
C ASP A 31 19.02 24.00 -20.38
N ILE A 32 19.70 23.02 -20.96
CA ILE A 32 20.69 22.23 -20.27
C ILE A 32 22.05 22.94 -20.27
N GLU A 33 22.61 23.16 -19.09
CA GLU A 33 23.90 23.83 -18.99
C GLU A 33 25.05 22.82 -18.96
N GLU A 34 24.72 21.56 -18.70
CA GLU A 34 25.73 20.52 -18.65
C GLU A 34 25.17 19.11 -18.81
N ILE A 35 25.84 18.31 -19.63
CA ILE A 35 25.46 16.93 -19.87
C ILE A 35 26.37 16.09 -18.99
N LEU A 36 25.76 15.30 -18.10
CA LEU A 36 26.54 14.47 -17.20
C LEU A 36 26.76 13.08 -17.79
N ILE A 37 25.71 12.53 -18.37
CA ILE A 37 25.77 11.21 -19.00
C ILE A 37 25.15 11.31 -20.39
N THR A 38 25.96 11.05 -21.41
CA THR A 38 25.47 11.15 -22.78
C THR A 38 24.49 10.03 -23.18
N GLU A 39 23.84 10.25 -24.32
CA GLU A 39 22.87 9.32 -24.86
C GLU A 39 23.50 7.95 -25.09
N GLU A 40 24.67 7.95 -25.72
CA GLU A 40 25.36 6.70 -25.99
C GLU A 40 25.86 6.02 -24.70
N GLN A 41 26.17 6.81 -23.67
CA GLN A 41 26.61 6.24 -22.42
C GLN A 41 25.42 5.52 -21.80
N LEU A 42 24.26 6.15 -21.88
CA LEU A 42 23.03 5.58 -21.35
C LEU A 42 22.69 4.29 -22.08
N LYS A 43 22.59 4.36 -23.41
CA LYS A 43 22.26 3.20 -24.21
C LYS A 43 23.17 2.03 -23.88
N ALA A 44 24.47 2.31 -23.77
CA ALA A 44 25.46 1.28 -23.48
C ALA A 44 25.28 0.59 -22.14
N LYS A 45 25.08 1.40 -21.08
CA LYS A 45 24.91 0.86 -19.74
C LYS A 45 23.65 0.00 -19.62
N VAL A 46 22.55 0.50 -20.18
CA VAL A 46 21.28 -0.20 -20.16
C VAL A 46 21.45 -1.57 -20.83
N LYS A 47 22.23 -1.59 -21.91
CA LYS A 47 22.47 -2.83 -22.63
C LYS A 47 23.31 -3.74 -21.72
N GLU A 48 24.25 -3.13 -21.02
CA GLU A 48 25.13 -3.85 -20.12
C GLU A 48 24.31 -4.51 -19.00
N LEU A 49 23.51 -3.70 -18.31
CA LEU A 49 22.68 -4.17 -17.21
C LEU A 49 21.74 -5.26 -17.67
N GLY A 50 21.14 -5.06 -18.85
CA GLY A 50 20.22 -6.04 -19.38
C GLY A 50 20.89 -7.40 -19.56
N GLU A 51 22.16 -7.38 -19.97
CA GLU A 51 22.90 -8.61 -20.18
C GLU A 51 23.13 -9.33 -18.86
N MET A 52 23.55 -8.58 -17.84
CA MET A 52 23.80 -9.12 -16.51
C MET A 52 22.54 -9.76 -15.95
N ILE A 53 21.46 -8.98 -15.94
CA ILE A 53 20.19 -9.45 -15.43
C ILE A 53 19.71 -10.67 -16.21
N THR A 54 19.94 -10.70 -17.52
CA THR A 54 19.54 -11.82 -18.34
C THR A 54 20.20 -13.11 -17.87
N ARG A 55 21.47 -13.03 -17.50
CA ARG A 55 22.21 -14.19 -17.03
C ARG A 55 21.76 -14.59 -15.62
N ASP A 56 21.57 -13.58 -14.77
CA ASP A 56 21.18 -13.81 -13.39
C ASP A 56 19.76 -14.30 -13.18
N TYR A 57 18.87 -14.04 -14.13
CA TYR A 57 17.50 -14.50 -13.97
C TYR A 57 17.09 -15.62 -14.89
N GLU A 58 18.09 -16.31 -15.44
CA GLU A 58 17.84 -17.45 -16.33
C GLU A 58 17.09 -18.48 -15.50
N GLY A 59 15.95 -18.95 -16.02
CA GLY A 59 15.17 -19.94 -15.30
C GLY A 59 14.32 -19.37 -14.18
N LYS A 60 14.53 -18.09 -13.86
CA LYS A 60 13.78 -17.43 -12.79
C LYS A 60 12.41 -16.97 -13.29
N ASP A 61 11.61 -16.41 -12.39
CA ASP A 61 10.28 -15.90 -12.74
C ASP A 61 10.37 -14.40 -12.47
N LEU A 62 10.98 -13.70 -13.43
CA LEU A 62 11.24 -12.27 -13.35
C LEU A 62 10.06 -11.31 -13.58
N VAL A 63 9.88 -10.42 -12.62
CA VAL A 63 8.83 -9.40 -12.67
C VAL A 63 9.52 -8.07 -12.38
N LEU A 64 9.45 -7.14 -13.34
CA LEU A 64 10.06 -5.83 -13.16
C LEU A 64 9.02 -4.86 -12.59
N ILE A 65 9.39 -4.13 -11.54
CA ILE A 65 8.48 -3.18 -10.94
C ILE A 65 9.16 -1.83 -10.72
N GLY A 66 8.51 -0.76 -11.20
CA GLY A 66 9.07 0.56 -11.06
C GLY A 66 8.04 1.52 -10.52
N VAL A 67 8.48 2.70 -10.12
CA VAL A 67 7.59 3.72 -9.59
C VAL A 67 7.41 4.81 -10.65
N LEU A 68 6.17 5.07 -11.01
CA LEU A 68 5.84 6.10 -12.00
C LEU A 68 6.17 7.48 -11.42
N LYS A 69 6.46 8.46 -12.27
CA LYS A 69 6.47 8.32 -13.72
C LYS A 69 7.88 8.16 -14.29
N GLY A 70 8.87 8.72 -13.57
CA GLY A 70 10.24 8.68 -14.02
C GLY A 70 10.87 7.38 -14.45
N ALA A 71 10.38 6.26 -13.89
CA ALA A 71 10.95 4.96 -14.21
C ALA A 71 10.55 4.37 -15.56
N ILE A 72 9.46 4.83 -16.17
CA ILE A 72 9.04 4.25 -17.45
C ILE A 72 10.12 4.24 -18.54
N MET A 73 10.95 5.28 -18.53
CA MET A 73 12.03 5.41 -19.51
C MET A 73 13.03 4.27 -19.38
N PHE A 74 13.60 4.14 -18.19
CA PHE A 74 14.57 3.11 -17.90
C PHE A 74 13.87 1.73 -17.97
N MET A 75 12.64 1.66 -17.47
CA MET A 75 11.88 0.41 -17.48
C MET A 75 11.73 -0.10 -18.90
N SER A 76 11.35 0.77 -19.83
CA SER A 76 11.17 0.34 -21.22
C SER A 76 12.50 -0.09 -21.84
N GLY A 77 13.55 0.70 -21.63
CA GLY A 77 14.86 0.36 -22.17
C GLY A 77 15.49 -0.89 -21.58
N LEU A 78 15.46 -1.00 -20.26
CA LEU A 78 16.05 -2.16 -19.57
C LEU A 78 15.35 -3.46 -19.98
N SER A 79 14.02 -3.46 -20.00
CA SER A 79 13.26 -4.66 -20.34
C SER A 79 13.58 -5.20 -21.74
N ARG A 80 13.76 -4.31 -22.71
CA ARG A 80 14.09 -4.74 -24.07
C ARG A 80 15.51 -5.26 -24.11
N ALA A 81 16.31 -4.90 -23.10
CA ALA A 81 17.70 -5.34 -23.02
C ALA A 81 17.78 -6.68 -22.29
N ILE A 82 16.64 -7.15 -21.78
CA ILE A 82 16.61 -8.42 -21.07
C ILE A 82 15.97 -9.50 -21.94
N ASP A 83 16.78 -10.43 -22.43
CA ASP A 83 16.27 -11.50 -23.29
C ASP A 83 15.75 -12.67 -22.45
N LEU A 84 14.70 -12.39 -21.70
CA LEU A 84 14.10 -13.37 -20.83
C LEU A 84 12.59 -13.17 -20.78
N PRO A 85 11.82 -14.26 -20.60
CA PRO A 85 10.40 -13.94 -20.54
C PRO A 85 10.32 -13.19 -19.21
N LEU A 86 9.61 -12.08 -19.19
CA LEU A 86 9.52 -11.29 -17.96
C LEU A 86 8.23 -10.51 -17.93
N SER A 87 7.82 -10.08 -16.74
CA SER A 87 6.62 -9.30 -16.60
C SER A 87 6.97 -7.93 -16.07
N ILE A 88 6.06 -6.97 -16.26
CA ILE A 88 6.27 -5.60 -15.81
C ILE A 88 5.04 -5.08 -15.09
N ASP A 89 5.26 -4.34 -14.02
CA ASP A 89 4.15 -3.75 -13.28
C ASP A 89 4.63 -2.42 -12.69
N PHE A 90 3.70 -1.60 -12.23
CA PHE A 90 4.07 -0.31 -11.68
C PHE A 90 3.37 0.05 -10.40
N LEU A 91 3.98 0.97 -9.67
CA LEU A 91 3.42 1.50 -8.44
C LEU A 91 3.35 3.01 -8.69
N ALA A 92 2.42 3.68 -8.03
CA ALA A 92 2.28 5.13 -8.12
C ALA A 92 2.16 5.49 -6.66
N VAL A 93 2.98 6.41 -6.19
CA VAL A 93 2.95 6.80 -4.80
C VAL A 93 2.86 8.30 -4.61
N SER A 94 2.56 8.70 -3.38
CA SER A 94 2.42 10.10 -3.03
C SER A 94 2.92 10.26 -1.60
N SER A 95 3.36 11.47 -1.25
CA SER A 95 3.89 11.68 0.09
C SER A 95 2.82 12.03 1.11
N TYR A 96 3.14 11.79 2.39
CA TYR A 96 2.24 12.13 3.49
C TYR A 96 2.67 13.48 4.05
N GLY A 97 3.77 14.01 3.52
CA GLY A 97 4.27 15.31 3.96
C GLY A 97 5.66 15.21 4.57
N SER A 98 5.81 15.81 5.76
CA SER A 98 7.09 15.79 6.46
C SER A 98 7.48 14.35 6.74
N SER A 99 6.48 13.55 7.11
CA SER A 99 6.71 12.15 7.42
C SER A 99 7.54 11.49 6.32
N THR A 100 7.05 11.59 5.09
CA THR A 100 7.71 11.00 3.94
C THR A 100 9.15 11.48 3.78
N LYS A 101 9.33 12.78 3.91
CA LYS A 101 10.63 13.42 3.77
C LYS A 101 11.69 12.84 4.71
N SER A 102 11.29 12.54 5.93
CA SER A 102 12.23 12.01 6.92
C SER A 102 12.12 10.50 7.16
N SER A 103 11.04 9.88 6.69
CA SER A 103 10.86 8.44 6.91
C SER A 103 10.73 7.64 5.61
N GLY A 104 10.45 8.33 4.51
CA GLY A 104 10.31 7.64 3.24
C GLY A 104 8.96 6.95 3.15
N ILE A 105 8.15 7.08 4.19
CA ILE A 105 6.82 6.47 4.21
C ILE A 105 5.92 7.18 3.21
N VAL A 106 5.40 6.43 2.24
CA VAL A 106 4.52 6.99 1.23
C VAL A 106 3.15 6.32 1.13
N LYS A 107 2.26 7.02 0.43
CA LYS A 107 0.89 6.60 0.19
C LYS A 107 0.82 5.90 -1.16
N ILE A 108 0.10 4.78 -1.22
CA ILE A 108 -0.04 4.05 -2.47
C ILE A 108 -1.21 4.61 -3.28
N ILE A 109 -0.90 5.12 -4.47
CA ILE A 109 -1.93 5.69 -5.35
C ILE A 109 -2.33 4.64 -6.38
N LYS A 110 -1.36 3.86 -6.85
CA LYS A 110 -1.61 2.78 -7.78
C LYS A 110 -0.70 1.63 -7.34
N ASP A 111 -1.30 0.54 -6.88
CA ASP A 111 -0.56 -0.64 -6.42
C ASP A 111 -0.29 -1.55 -7.59
N HIS A 112 0.65 -2.49 -7.45
CA HIS A 112 0.94 -3.40 -8.55
C HIS A 112 -0.19 -4.44 -8.61
N ASP A 113 -0.55 -4.82 -9.83
CA ASP A 113 -1.62 -5.78 -10.06
C ASP A 113 -1.16 -7.23 -10.03
N ILE A 114 0.07 -7.48 -10.47
CA ILE A 114 0.61 -8.84 -10.50
C ILE A 114 0.91 -9.34 -9.08
N ASP A 115 0.46 -10.56 -8.78
CA ASP A 115 0.71 -11.18 -7.47
C ASP A 115 2.15 -11.66 -7.49
N ILE A 116 3.02 -10.95 -6.79
CA ILE A 116 4.44 -11.28 -6.76
C ILE A 116 4.82 -12.39 -5.81
N GLU A 117 3.82 -13.04 -5.22
CA GLU A 117 4.10 -14.14 -4.29
C GLU A 117 4.90 -15.24 -4.97
N GLY A 118 6.08 -15.53 -4.42
CA GLY A 118 6.92 -16.57 -4.97
C GLY A 118 7.62 -16.24 -6.28
N LYS A 119 7.58 -14.98 -6.69
CA LYS A 119 8.22 -14.60 -7.94
C LYS A 119 9.50 -13.82 -7.69
N ASP A 120 10.36 -13.78 -8.70
CA ASP A 120 11.63 -13.07 -8.58
C ASP A 120 11.43 -11.64 -9.07
N VAL A 121 11.23 -10.74 -8.11
CA VAL A 121 11.00 -9.34 -8.40
C VAL A 121 12.26 -8.48 -8.44
N LEU A 122 12.36 -7.64 -9.46
CA LEU A 122 13.48 -6.72 -9.58
C LEU A 122 12.93 -5.30 -9.61
N ILE A 123 13.21 -4.54 -8.56
CA ILE A 123 12.78 -3.16 -8.48
C ILE A 123 13.61 -2.37 -9.49
N VAL A 124 12.94 -1.55 -10.30
CA VAL A 124 13.62 -0.73 -11.30
C VAL A 124 13.42 0.75 -10.98
N GLU A 125 14.49 1.39 -10.52
CA GLU A 125 14.46 2.81 -10.15
C GLU A 125 15.14 3.70 -11.18
N ASP A 126 14.73 4.95 -11.23
CA ASP A 126 15.33 5.92 -12.13
C ASP A 126 16.51 6.56 -11.41
N ILE A 127 16.36 6.74 -10.10
CA ILE A 127 17.42 7.34 -9.31
C ILE A 127 17.24 7.07 -7.82
N ILE A 128 18.34 6.77 -7.15
CA ILE A 128 18.31 6.54 -5.71
C ILE A 128 18.99 7.74 -5.09
N ASP A 129 18.28 8.43 -4.22
CA ASP A 129 18.82 9.61 -3.56
C ASP A 129 19.04 9.28 -2.09
N SER A 130 18.04 9.59 -1.26
CA SER A 130 18.15 9.29 0.16
C SER A 130 18.02 7.79 0.39
N GLY A 131 17.24 7.13 -0.47
CA GLY A 131 17.03 5.70 -0.33
C GLY A 131 15.92 5.38 0.65
N LEU A 132 15.33 6.42 1.23
CA LEU A 132 14.27 6.28 2.21
C LEU A 132 12.99 5.66 1.63
N THR A 133 12.45 6.26 0.58
CA THR A 133 11.23 5.76 -0.04
C THR A 133 11.50 4.37 -0.63
N LEU A 134 12.67 4.19 -1.21
CA LEU A 134 13.03 2.91 -1.79
C LEU A 134 13.01 1.83 -0.71
N ALA A 135 13.59 2.13 0.45
CA ALA A 135 13.64 1.18 1.57
C ALA A 135 12.24 0.87 2.08
N TYR A 136 11.40 1.89 2.18
CA TYR A 136 10.02 1.70 2.64
C TYR A 136 9.27 0.79 1.67
N LEU A 137 9.34 1.11 0.38
CA LEU A 137 8.66 0.31 -0.64
C LEU A 137 9.23 -1.08 -0.72
N ARG A 138 10.51 -1.22 -0.39
CA ARG A 138 11.15 -2.52 -0.39
C ARG A 138 10.48 -3.42 0.67
N GLU A 139 10.27 -2.86 1.86
CA GLU A 139 9.64 -3.57 2.96
C GLU A 139 8.24 -4.01 2.56
N THR A 140 7.49 -3.07 2.00
CA THR A 140 6.13 -3.36 1.57
C THR A 140 6.14 -4.50 0.56
N LEU A 141 7.04 -4.43 -0.42
CA LEU A 141 7.12 -5.49 -1.41
C LEU A 141 7.52 -6.82 -0.76
N LEU A 142 8.34 -6.76 0.28
CA LEU A 142 8.76 -7.97 0.98
C LEU A 142 7.55 -8.61 1.66
N GLY A 143 6.71 -7.76 2.25
CA GLY A 143 5.53 -8.24 2.94
C GLY A 143 4.61 -9.05 2.07
N ARG A 144 4.87 -9.03 0.76
CA ARG A 144 4.03 -9.75 -0.18
C ARG A 144 4.69 -11.06 -0.62
N LYS A 145 5.66 -11.48 0.17
CA LYS A 145 6.37 -12.73 -0.02
C LYS A 145 6.92 -13.09 -1.39
N PRO A 146 7.75 -12.21 -1.98
CA PRO A 146 8.29 -12.57 -3.29
C PRO A 146 9.41 -13.57 -2.97
N ARG A 147 9.69 -14.51 -3.87
CA ARG A 147 10.75 -15.46 -3.59
C ARG A 147 12.08 -14.72 -3.60
N SER A 148 12.15 -13.70 -4.43
CA SER A 148 13.37 -12.90 -4.57
C SER A 148 13.01 -11.43 -4.72
N LEU A 149 13.88 -10.54 -4.24
CA LEU A 149 13.63 -9.12 -4.35
C LEU A 149 14.94 -8.35 -4.47
N LYS A 150 15.27 -7.92 -5.67
CA LYS A 150 16.50 -7.16 -5.89
C LYS A 150 16.23 -5.74 -6.37
N ILE A 151 17.27 -4.92 -6.38
CA ILE A 151 17.14 -3.54 -6.79
C ILE A 151 18.12 -3.13 -7.90
N CYS A 152 17.58 -2.51 -8.94
CA CYS A 152 18.36 -2.03 -10.07
C CYS A 152 17.99 -0.57 -10.29
N THR A 153 19.00 0.27 -10.48
CA THR A 153 18.78 1.69 -10.72
C THR A 153 19.73 2.15 -11.81
N ILE A 154 19.30 3.12 -12.61
CA ILE A 154 20.17 3.62 -13.66
C ILE A 154 21.06 4.72 -13.07
N LEU A 155 20.51 5.48 -12.12
CA LEU A 155 21.25 6.57 -11.47
C LEU A 155 21.28 6.45 -9.96
N ASP A 156 22.37 6.91 -9.36
CA ASP A 156 22.53 6.88 -7.91
C ASP A 156 23.38 8.04 -7.39
N LYS A 157 22.90 8.69 -6.32
CA LYS A 157 23.61 9.78 -5.69
C LYS A 157 24.04 9.31 -4.31
N PRO A 158 25.18 8.60 -4.21
CA PRO A 158 25.70 8.07 -2.95
C PRO A 158 25.75 9.08 -1.80
N GLU A 159 26.25 10.27 -2.10
CA GLU A 159 26.37 11.33 -1.10
C GLU A 159 25.08 11.56 -0.32
N ARG A 160 23.95 11.54 -1.02
CA ARG A 160 22.65 11.77 -0.38
C ARG A 160 22.12 10.58 0.41
N ARG A 161 22.68 9.40 0.17
CA ARG A 161 22.23 8.18 0.84
C ARG A 161 22.12 8.26 2.36
N GLU A 162 20.90 8.27 2.88
CA GLU A 162 20.69 8.30 4.32
C GLU A 162 19.77 7.17 4.73
N ALA A 163 19.97 6.01 4.12
CA ALA A 163 19.18 4.82 4.39
C ALA A 163 19.96 3.61 3.90
N ASP A 164 19.86 2.51 4.63
CA ASP A 164 20.56 1.28 4.29
C ASP A 164 19.85 0.51 3.20
N VAL A 165 20.29 0.72 1.96
CA VAL A 165 19.67 0.00 0.85
C VAL A 165 20.71 -0.68 0.00
N LYS A 166 20.57 -1.99 -0.14
CA LYS A 166 21.48 -2.79 -0.95
C LYS A 166 21.08 -2.62 -2.41
N VAL A 167 21.99 -2.09 -3.22
CA VAL A 167 21.72 -1.90 -4.64
C VAL A 167 22.43 -3.02 -5.40
N ASP A 168 21.65 -3.89 -6.01
CA ASP A 168 22.21 -5.00 -6.75
C ASP A 168 22.76 -4.60 -8.11
N TYR A 169 22.05 -3.74 -8.82
CA TYR A 169 22.50 -3.27 -10.12
C TYR A 169 22.45 -1.75 -10.15
N CYS A 170 23.53 -1.13 -10.61
CA CYS A 170 23.58 0.33 -10.66
C CYS A 170 24.24 0.88 -11.92
N GLY A 171 23.56 1.84 -12.55
CA GLY A 171 24.08 2.43 -13.77
C GLY A 171 25.24 3.38 -13.56
N PHE A 172 24.95 4.59 -13.07
CA PHE A 172 25.99 5.58 -12.86
C PHE A 172 25.86 6.31 -11.52
N LYS A 173 26.99 6.60 -10.89
CA LYS A 173 26.98 7.37 -9.65
C LYS A 173 27.22 8.80 -10.08
N ILE A 174 26.26 9.68 -9.79
CA ILE A 174 26.38 11.07 -10.17
C ILE A 174 26.56 11.93 -8.92
N PRO A 175 27.17 13.12 -9.07
CA PRO A 175 27.38 14.02 -7.94
C PRO A 175 26.05 14.52 -7.38
N ASP A 176 26.10 15.34 -6.35
CA ASP A 176 24.89 15.86 -5.74
C ASP A 176 24.36 17.11 -6.43
N LYS A 177 23.72 16.92 -7.57
CA LYS A 177 23.13 18.01 -8.33
C LYS A 177 21.75 17.55 -8.78
N PHE A 178 20.88 18.49 -9.09
CA PHE A 178 19.54 18.15 -9.56
C PHE A 178 19.65 17.89 -11.05
N VAL A 179 19.35 16.68 -11.47
CA VAL A 179 19.44 16.31 -12.87
C VAL A 179 18.08 16.05 -13.51
N VAL A 180 18.07 16.12 -14.84
CA VAL A 180 16.87 15.88 -15.62
C VAL A 180 17.23 15.00 -16.81
N GLY A 181 16.21 14.44 -17.46
CA GLY A 181 16.44 13.59 -18.61
C GLY A 181 16.21 12.11 -18.36
N TYR A 182 15.97 11.37 -19.45
CA TYR A 182 15.75 9.93 -19.39
C TYR A 182 14.75 9.56 -18.30
N GLY A 183 13.65 10.29 -18.24
CA GLY A 183 12.64 10.02 -17.24
C GLY A 183 12.61 11.06 -16.12
N LEU A 184 13.78 11.54 -15.70
CA LEU A 184 13.81 12.54 -14.63
C LEU A 184 13.31 13.90 -15.14
N ASP A 185 12.44 14.52 -14.36
CA ASP A 185 11.87 15.80 -14.75
C ASP A 185 12.12 16.88 -13.72
N TYR A 186 11.61 18.06 -14.06
CA TYR A 186 11.62 19.24 -13.23
C TYR A 186 10.32 19.92 -13.62
N ALA A 187 9.36 19.93 -12.71
CA ALA A 187 8.07 20.53 -13.01
C ALA A 187 7.48 19.84 -14.23
N GLU A 188 7.54 18.50 -14.23
CA GLU A 188 7.00 17.66 -15.30
C GLU A 188 7.67 17.77 -16.68
N LYS A 189 8.74 18.55 -16.80
CA LYS A 189 9.42 18.70 -18.09
C LYS A 189 10.80 18.05 -18.12
N TYR A 190 11.32 17.88 -19.34
CA TYR A 190 12.64 17.31 -19.61
C TYR A 190 12.79 15.80 -19.54
N ARG A 191 11.70 15.08 -19.26
CA ARG A 191 11.76 13.62 -19.15
C ARG A 191 12.16 12.99 -20.48
N ASN A 192 11.83 13.66 -21.57
CA ASN A 192 12.13 13.15 -22.91
C ASN A 192 13.53 13.40 -23.45
N LEU A 193 14.42 13.98 -22.65
CA LEU A 193 15.79 14.21 -23.10
C LEU A 193 16.49 12.86 -23.18
N PRO A 194 17.31 12.63 -24.22
CA PRO A 194 18.04 11.38 -24.41
C PRO A 194 19.29 11.20 -23.56
N PHE A 195 19.58 12.21 -22.74
CA PHE A 195 20.74 12.20 -21.87
C PHE A 195 20.38 12.69 -20.47
N ILE A 196 21.34 12.58 -19.56
CA ILE A 196 21.14 13.04 -18.19
C ILE A 196 21.93 14.35 -18.09
N GLY A 197 21.27 15.43 -17.74
CA GLY A 197 21.96 16.71 -17.63
C GLY A 197 21.43 17.63 -16.55
N VAL A 198 22.10 18.76 -16.36
CA VAL A 198 21.71 19.74 -15.35
C VAL A 198 21.18 21.02 -16.02
N LEU A 199 19.98 21.43 -15.63
CA LEU A 199 19.36 22.64 -16.17
C LEU A 199 20.06 23.90 -15.68
N LYS A 200 19.84 25.01 -16.37
CA LYS A 200 20.42 26.28 -15.96
C LYS A 200 19.67 26.72 -14.70
N PRO A 201 20.38 27.32 -13.75
CA PRO A 201 19.75 27.79 -12.50
C PRO A 201 18.57 28.74 -12.70
N GLU A 202 18.59 29.50 -13.79
CA GLU A 202 17.52 30.46 -14.08
C GLU A 202 16.15 29.79 -14.15
N LEU A 203 16.11 28.58 -14.72
CA LEU A 203 14.86 27.84 -14.85
C LEU A 203 14.47 27.17 -13.53
N TYR A 204 15.41 27.13 -12.59
CA TYR A 204 15.17 26.55 -11.28
C TYR A 204 14.37 27.54 -10.43
N PRO B 28 -33.36 -8.12 1.31
CA PRO B 28 -34.34 -7.68 2.32
C PRO B 28 -34.92 -8.80 3.20
N MET B 29 -35.58 -8.37 4.26
CA MET B 29 -36.23 -9.20 5.28
C MET B 29 -37.13 -10.35 4.81
N GLU B 30 -36.75 -10.99 3.71
CA GLU B 30 -37.52 -12.11 3.18
C GLU B 30 -36.57 -13.26 2.89
N ASP B 31 -35.31 -12.93 2.63
CA ASP B 31 -34.28 -13.94 2.35
C ASP B 31 -33.53 -14.24 3.64
N ILE B 32 -34.03 -13.70 4.74
CA ILE B 32 -33.40 -13.89 6.05
C ILE B 32 -33.98 -15.11 6.77
N GLU B 33 -33.11 -16.04 7.15
CA GLU B 33 -33.54 -17.23 7.86
C GLU B 33 -33.87 -16.89 9.30
N GLU B 34 -33.04 -16.03 9.90
CA GLU B 34 -33.24 -15.61 11.29
C GLU B 34 -32.46 -14.34 11.58
N ILE B 35 -32.93 -13.60 12.58
CA ILE B 35 -32.26 -12.38 13.00
C ILE B 35 -31.43 -12.71 14.23
N LEU B 36 -30.15 -12.31 14.21
CA LEU B 36 -29.27 -12.60 15.34
C LEU B 36 -29.18 -11.42 16.29
N ILE B 37 -29.09 -10.21 15.74
CA ILE B 37 -28.94 -9.01 16.55
C ILE B 37 -29.84 -7.90 16.03
N THR B 38 -30.68 -7.34 16.91
CA THR B 38 -31.60 -6.27 16.51
C THR B 38 -30.90 -4.93 16.31
N GLU B 39 -31.62 -3.98 15.73
CA GLU B 39 -31.10 -2.65 15.47
C GLU B 39 -30.82 -1.94 16.79
N GLU B 40 -31.71 -2.12 17.76
CA GLU B 40 -31.52 -1.48 19.05
C GLU B 40 -30.35 -2.14 19.76
N GLN B 41 -30.15 -3.43 19.51
CA GLN B 41 -29.04 -4.17 20.10
C GLN B 41 -27.73 -3.59 19.57
N LEU B 42 -27.69 -3.37 18.26
CA LEU B 42 -26.51 -2.80 17.62
C LEU B 42 -26.23 -1.39 18.15
N LYS B 43 -27.27 -0.57 18.28
CA LYS B 43 -27.13 0.79 18.79
C LYS B 43 -26.55 0.84 20.20
N ALA B 44 -27.10 0.03 21.10
CA ALA B 44 -26.62 -0.03 22.47
C ALA B 44 -25.13 -0.39 22.53
N LYS B 45 -24.75 -1.46 21.82
CA LYS B 45 -23.36 -1.89 21.81
C LYS B 45 -22.42 -0.82 21.27
N VAL B 46 -22.86 -0.14 20.20
CA VAL B 46 -22.06 0.91 19.59
C VAL B 46 -21.84 2.03 20.61
N LYS B 47 -22.90 2.40 21.32
CA LYS B 47 -22.81 3.45 22.33
C LYS B 47 -21.80 3.04 23.41
N GLU B 48 -21.88 1.77 23.80
CA GLU B 48 -21.00 1.20 24.82
C GLU B 48 -19.53 1.22 24.40
N LEU B 49 -19.25 0.78 23.19
CA LEU B 49 -17.88 0.78 22.68
C LEU B 49 -17.39 2.22 22.55
N GLY B 50 -18.30 3.10 22.12
CA GLY B 50 -17.94 4.49 21.96
C GLY B 50 -17.55 5.10 23.29
N GLU B 51 -18.29 4.75 24.34
CA GLU B 51 -18.01 5.29 25.67
C GLU B 51 -16.66 4.82 26.20
N MET B 52 -16.34 3.56 25.96
CA MET B 52 -15.08 2.98 26.40
C MET B 52 -13.90 3.69 25.72
N ILE B 53 -13.99 3.81 24.39
CA ILE B 53 -12.95 4.45 23.59
C ILE B 53 -12.79 5.92 23.99
N THR B 54 -13.91 6.58 24.33
CA THR B 54 -13.85 7.97 24.77
C THR B 54 -12.96 8.04 26.03
N ARG B 55 -13.14 7.09 26.95
CA ARG B 55 -12.34 7.07 28.17
C ARG B 55 -10.90 6.67 27.89
N ASP B 56 -10.72 5.61 27.09
CA ASP B 56 -9.38 5.11 26.76
C ASP B 56 -8.55 6.05 25.89
N TYR B 57 -9.20 6.83 25.03
CA TYR B 57 -8.43 7.71 24.17
C TYR B 57 -8.45 9.18 24.52
N GLU B 58 -8.97 9.52 25.69
CA GLU B 58 -8.99 10.92 26.07
C GLU B 58 -7.57 11.49 26.10
N GLY B 59 -7.37 12.64 25.46
CA GLY B 59 -6.07 13.25 25.45
C GLY B 59 -5.12 12.71 24.40
N LYS B 60 -5.59 11.81 23.56
CA LYS B 60 -4.74 11.25 22.50
C LYS B 60 -5.15 11.82 21.14
N ASP B 61 -4.31 11.58 20.14
CA ASP B 61 -4.57 12.06 18.79
C ASP B 61 -5.13 10.85 18.04
N LEU B 62 -6.44 10.64 18.19
CA LEU B 62 -7.15 9.50 17.59
C LEU B 62 -7.54 9.60 16.12
N VAL B 63 -7.28 8.52 15.40
CA VAL B 63 -7.60 8.42 13.98
C VAL B 63 -8.28 7.09 13.74
N LEU B 64 -9.53 7.16 13.26
CA LEU B 64 -10.30 5.95 12.95
C LEU B 64 -10.07 5.62 11.49
N ILE B 65 -9.75 4.36 11.22
CA ILE B 65 -9.52 3.93 9.85
C ILE B 65 -10.34 2.70 9.61
N GLY B 66 -11.30 2.80 8.69
CA GLY B 66 -12.15 1.67 8.40
C GLY B 66 -11.89 1.11 7.02
N VAL B 67 -12.24 -0.16 6.81
CA VAL B 67 -12.04 -0.77 5.51
C VAL B 67 -13.37 -0.89 4.77
N LEU B 68 -13.48 -0.16 3.67
CA LEU B 68 -14.68 -0.17 2.85
C LEU B 68 -14.89 -1.55 2.21
N LYS B 69 -16.12 -1.89 1.86
CA LYS B 69 -17.29 -1.02 2.03
C LYS B 69 -17.99 -1.30 3.35
N GLY B 70 -17.93 -2.56 3.78
CA GLY B 70 -18.61 -3.01 4.98
C GLY B 70 -18.53 -2.22 6.27
N ALA B 71 -17.38 -1.61 6.55
CA ALA B 71 -17.21 -0.86 7.77
C ALA B 71 -17.91 0.50 7.88
N ILE B 72 -18.50 1.04 6.80
CA ILE B 72 -19.12 2.36 6.93
C ILE B 72 -20.25 2.51 7.93
N MET B 73 -21.07 1.49 8.13
CA MET B 73 -22.16 1.59 9.10
C MET B 73 -21.54 1.77 10.47
N PHE B 74 -20.76 0.77 10.89
CA PHE B 74 -20.09 0.79 12.18
C PHE B 74 -19.21 2.02 12.33
N MET B 75 -18.49 2.39 11.27
CA MET B 75 -17.63 3.56 11.33
C MET B 75 -18.44 4.81 11.68
N SER B 76 -19.60 4.95 11.03
CA SER B 76 -20.47 6.08 11.26
C SER B 76 -21.05 6.12 12.67
N GLY B 77 -21.56 4.97 13.10
CA GLY B 77 -22.17 4.87 14.42
C GLY B 77 -21.17 4.96 15.55
N LEU B 78 -20.02 4.34 15.38
CA LEU B 78 -18.98 4.35 16.41
C LEU B 78 -18.34 5.74 16.58
N SER B 79 -18.01 6.39 15.46
CA SER B 79 -17.39 7.71 15.53
C SER B 79 -18.31 8.74 16.21
N ARG B 80 -19.59 8.68 15.90
CA ARG B 80 -20.53 9.61 16.49
C ARG B 80 -20.77 9.30 17.97
N ALA B 81 -20.37 8.10 18.40
CA ALA B 81 -20.51 7.69 19.80
C ALA B 81 -19.22 7.95 20.61
N ILE B 82 -18.17 8.41 19.95
CA ILE B 82 -16.91 8.73 20.61
C ILE B 82 -16.91 10.23 20.83
N ASP B 83 -17.04 10.64 22.08
CA ASP B 83 -17.09 12.07 22.40
C ASP B 83 -15.69 12.65 22.54
N LEU B 84 -14.94 12.62 21.45
CA LEU B 84 -13.58 13.16 21.43
C LEU B 84 -13.29 13.73 20.04
N PRO B 85 -12.29 14.61 19.95
CA PRO B 85 -11.99 15.14 18.63
C PRO B 85 -11.19 14.02 17.96
N LEU B 86 -11.59 13.62 16.77
CA LEU B 86 -10.91 12.54 16.08
C LEU B 86 -10.95 12.78 14.60
N SER B 87 -10.20 11.99 13.86
CA SER B 87 -10.16 12.07 12.42
C SER B 87 -10.64 10.73 11.91
N ILE B 88 -11.06 10.71 10.65
CA ILE B 88 -11.55 9.48 10.06
C ILE B 88 -10.95 9.31 8.67
N ASP B 89 -10.60 8.08 8.32
CA ASP B 89 -10.08 7.81 7.00
C ASP B 89 -10.45 6.39 6.61
N PHE B 90 -10.21 6.03 5.35
CA PHE B 90 -10.55 4.68 4.89
C PHE B 90 -9.54 4.03 3.98
N LEU B 91 -9.63 2.71 3.90
CA LEU B 91 -8.81 1.93 3.01
C LEU B 91 -9.77 1.11 2.15
N ALA B 92 -9.45 0.97 0.87
CA ALA B 92 -10.22 0.16 -0.04
C ALA B 92 -9.18 -0.83 -0.51
N VAL B 93 -9.48 -2.12 -0.44
CA VAL B 93 -8.53 -3.14 -0.85
C VAL B 93 -9.12 -4.12 -1.85
N SER B 94 -8.24 -4.94 -2.42
CA SER B 94 -8.63 -5.93 -3.40
C SER B 94 -7.74 -7.16 -3.27
N SER B 95 -8.22 -8.28 -3.77
CA SER B 95 -7.48 -9.53 -3.68
C SER B 95 -6.46 -9.70 -4.80
N TYR B 96 -5.36 -10.42 -4.50
CA TYR B 96 -4.32 -10.70 -5.47
C TYR B 96 -4.55 -12.08 -6.11
N GLY B 97 -5.44 -12.86 -5.51
CA GLY B 97 -5.73 -14.18 -6.03
C GLY B 97 -5.86 -15.17 -4.88
N SER B 98 -5.01 -16.20 -4.88
CA SER B 98 -5.02 -17.20 -3.83
C SER B 98 -4.12 -16.74 -2.70
N SER B 99 -3.18 -15.86 -3.03
CA SER B 99 -2.24 -15.31 -2.09
C SER B 99 -2.99 -14.55 -0.99
N THR B 100 -4.23 -14.18 -1.29
CA THR B 100 -5.05 -13.44 -0.33
C THR B 100 -5.75 -14.42 0.60
N LYS B 101 -6.37 -15.44 0.00
CA LYS B 101 -7.08 -16.45 0.77
C LYS B 101 -6.24 -17.14 1.82
N SER B 102 -4.99 -17.45 1.48
CA SER B 102 -4.11 -18.15 2.40
C SER B 102 -3.25 -17.26 3.27
N SER B 103 -2.84 -16.10 2.77
CA SER B 103 -1.98 -15.22 3.57
C SER B 103 -2.58 -13.86 3.91
N GLY B 104 -3.77 -13.59 3.41
CA GLY B 104 -4.42 -12.32 3.68
C GLY B 104 -3.77 -11.11 3.05
N ILE B 105 -2.87 -11.34 2.10
CA ILE B 105 -2.17 -10.25 1.42
C ILE B 105 -3.10 -9.60 0.39
N VAL B 106 -3.29 -8.30 0.49
CA VAL B 106 -4.19 -7.61 -0.44
C VAL B 106 -3.55 -6.44 -1.17
N LYS B 107 -4.24 -6.01 -2.22
CA LYS B 107 -3.82 -4.90 -3.06
C LYS B 107 -4.51 -3.64 -2.51
N ILE B 108 -3.76 -2.55 -2.39
CA ILE B 108 -4.33 -1.29 -1.90
C ILE B 108 -4.97 -0.56 -3.08
N ILE B 109 -6.29 -0.41 -3.05
CA ILE B 109 -7.00 0.29 -4.12
C ILE B 109 -7.20 1.76 -3.74
N LYS B 110 -7.39 2.01 -2.45
CA LYS B 110 -7.52 3.37 -1.91
C LYS B 110 -6.82 3.38 -0.56
N ASP B 111 -5.75 4.16 -0.47
CA ASP B 111 -4.99 4.26 0.76
C ASP B 111 -5.51 5.43 1.61
N HIS B 112 -5.17 5.46 2.89
CA HIS B 112 -5.64 6.55 3.73
C HIS B 112 -4.83 7.80 3.39
N ASP B 113 -5.48 8.96 3.49
CA ASP B 113 -4.82 10.22 3.20
C ASP B 113 -4.16 10.83 4.42
N ILE B 114 -4.74 10.57 5.59
CA ILE B 114 -4.20 11.12 6.82
C ILE B 114 -2.85 10.50 7.17
N ASP B 115 -1.87 11.33 7.52
CA ASP B 115 -0.54 10.86 7.89
C ASP B 115 -0.67 10.36 9.33
N ILE B 116 -0.60 9.04 9.53
CA ILE B 116 -0.78 8.47 10.86
C ILE B 116 0.46 8.35 11.75
N GLU B 117 1.60 8.89 11.32
CA GLU B 117 2.80 8.82 12.16
C GLU B 117 2.63 9.58 13.47
N GLY B 118 2.95 8.92 14.58
CA GLY B 118 2.83 9.57 15.87
C GLY B 118 1.39 9.69 16.35
N LYS B 119 0.45 9.16 15.58
CA LYS B 119 -0.94 9.24 15.98
C LYS B 119 -1.43 7.90 16.53
N ASP B 120 -2.53 7.94 17.26
CA ASP B 120 -3.12 6.74 17.84
C ASP B 120 -4.22 6.24 16.92
N VAL B 121 -3.91 5.18 16.19
CA VAL B 121 -4.85 4.64 15.23
C VAL B 121 -5.70 3.49 15.75
N LEU B 122 -6.96 3.50 15.35
CA LEU B 122 -7.92 2.47 15.73
C LEU B 122 -8.55 1.93 14.44
N ILE B 123 -8.20 0.71 14.07
CA ILE B 123 -8.76 0.09 12.88
C ILE B 123 -10.21 -0.26 13.19
N VAL B 124 -11.12 0.14 12.32
CA VAL B 124 -12.55 -0.17 12.53
C VAL B 124 -13.00 -1.20 11.49
N GLU B 125 -13.43 -2.35 11.97
CA GLU B 125 -13.86 -3.43 11.07
C GLU B 125 -15.31 -3.81 11.27
N ASP B 126 -15.92 -4.33 10.23
CA ASP B 126 -17.29 -4.77 10.30
C ASP B 126 -17.30 -6.17 10.90
N ILE B 127 -16.42 -7.05 10.40
CA ILE B 127 -16.38 -8.40 10.92
C ILE B 127 -14.99 -9.01 10.82
N ILE B 128 -14.61 -9.78 11.85
CA ILE B 128 -13.33 -10.46 11.86
C ILE B 128 -13.62 -11.95 11.72
N ASP B 129 -12.94 -12.59 10.79
CA ASP B 129 -13.12 -13.99 10.46
C ASP B 129 -11.85 -14.80 10.71
N SER B 130 -11.07 -14.97 9.65
CA SER B 130 -9.81 -15.69 9.71
C SER B 130 -8.78 -14.78 10.35
N GLY B 131 -8.96 -13.48 10.13
CA GLY B 131 -8.04 -12.50 10.67
C GLY B 131 -6.81 -12.31 9.80
N LEU B 132 -6.77 -13.00 8.66
CA LEU B 132 -5.63 -12.91 7.75
C LEU B 132 -5.44 -11.52 7.15
N THR B 133 -6.46 -11.00 6.48
CA THR B 133 -6.37 -9.68 5.87
C THR B 133 -6.12 -8.64 6.95
N LEU B 134 -6.81 -8.78 8.07
CA LEU B 134 -6.67 -7.86 9.19
C LEU B 134 -5.24 -7.85 9.70
N ALA B 135 -4.66 -9.04 9.85
CA ALA B 135 -3.29 -9.16 10.32
C ALA B 135 -2.34 -8.45 9.37
N TYR B 136 -2.58 -8.60 8.07
CA TYR B 136 -1.77 -7.99 7.03
C TYR B 136 -1.85 -6.47 7.02
N LEU B 137 -3.07 -5.93 7.06
CA LEU B 137 -3.26 -4.49 7.04
C LEU B 137 -2.68 -3.92 8.32
N ARG B 138 -2.83 -4.65 9.40
CA ARG B 138 -2.31 -4.23 10.68
C ARG B 138 -0.80 -3.99 10.59
N GLU B 139 -0.09 -4.92 9.98
CA GLU B 139 1.37 -4.79 9.82
C GLU B 139 1.70 -3.62 8.91
N THR B 140 0.90 -3.43 7.87
CA THR B 140 1.12 -2.35 6.93
C THR B 140 1.01 -1.00 7.63
N LEU B 141 -0.02 -0.84 8.45
CA LEU B 141 -0.21 0.41 9.17
C LEU B 141 0.93 0.63 10.17
N LEU B 142 1.35 -0.44 10.83
CA LEU B 142 2.46 -0.33 11.78
C LEU B 142 3.68 0.19 11.02
N GLY B 143 3.79 -0.20 9.76
CA GLY B 143 4.91 0.23 8.95
C GLY B 143 5.00 1.74 8.82
N ARG B 144 3.89 2.41 9.10
CA ARG B 144 3.81 3.86 9.00
C ARG B 144 4.00 4.55 10.34
N LYS B 145 4.54 3.78 11.27
CA LYS B 145 4.87 4.28 12.60
C LYS B 145 3.83 5.05 13.40
N PRO B 146 2.67 4.44 13.68
CA PRO B 146 1.69 5.19 14.46
C PRO B 146 2.14 5.10 15.93
N ARG B 147 1.70 6.04 16.77
CA ARG B 147 2.06 5.98 18.18
C ARG B 147 1.50 4.69 18.78
N SER B 148 0.24 4.39 18.48
CA SER B 148 -0.37 3.15 18.97
C SER B 148 -1.34 2.66 17.91
N LEU B 149 -1.66 1.37 17.95
CA LEU B 149 -2.56 0.78 16.99
C LEU B 149 -3.41 -0.29 17.64
N LYS B 150 -4.72 -0.08 17.64
CA LYS B 150 -5.66 -1.04 18.21
C LYS B 150 -6.70 -1.43 17.17
N ILE B 151 -7.48 -2.45 17.48
CA ILE B 151 -8.47 -2.94 16.53
C ILE B 151 -9.85 -3.03 17.15
N CYS B 152 -10.85 -2.60 16.39
CA CYS B 152 -12.23 -2.62 16.86
C CYS B 152 -13.11 -3.22 15.77
N THR B 153 -14.03 -4.08 16.17
CA THR B 153 -14.95 -4.72 15.22
C THR B 153 -16.32 -4.89 15.84
N ILE B 154 -17.37 -4.77 15.05
CA ILE B 154 -18.71 -4.91 15.60
C ILE B 154 -19.04 -6.40 15.72
N LEU B 155 -18.57 -7.19 14.77
CA LEU B 155 -18.81 -8.64 14.78
C LEU B 155 -17.52 -9.45 14.76
N ASP B 156 -17.60 -10.64 15.33
CA ASP B 156 -16.46 -11.55 15.37
C ASP B 156 -16.90 -13.01 15.33
N LYS B 157 -16.28 -13.77 14.44
CA LYS B 157 -16.54 -15.21 14.29
C LYS B 157 -15.31 -15.91 14.86
N PRO B 158 -15.36 -16.30 16.14
CA PRO B 158 -14.26 -16.99 16.84
C PRO B 158 -13.74 -18.27 16.20
N GLU B 159 -14.59 -19.28 16.07
CA GLU B 159 -14.18 -20.57 15.51
C GLU B 159 -13.58 -20.54 14.11
N ARG B 160 -13.47 -19.37 13.51
CA ARG B 160 -12.91 -19.26 12.16
C ARG B 160 -11.52 -18.63 12.11
N ARG B 161 -11.06 -18.15 13.25
CA ARG B 161 -9.76 -17.49 13.31
C ARG B 161 -8.59 -18.34 12.85
N GLU B 162 -7.75 -17.77 12.00
CA GLU B 162 -6.57 -18.46 11.51
C GLU B 162 -5.45 -17.46 11.29
N ALA B 163 -5.26 -16.60 12.28
CA ALA B 163 -4.23 -15.57 12.27
C ALA B 163 -4.17 -15.04 13.70
N ASP B 164 -2.97 -14.64 14.13
CA ASP B 164 -2.78 -14.13 15.47
C ASP B 164 -3.79 -13.02 15.77
N VAL B 165 -3.39 -11.78 15.49
CA VAL B 165 -4.22 -10.59 15.67
C VAL B 165 -5.06 -10.47 16.95
N LYS B 166 -4.77 -9.42 17.71
CA LYS B 166 -5.48 -9.12 18.95
C LYS B 166 -6.62 -8.15 18.63
N VAL B 167 -7.79 -8.40 19.21
CA VAL B 167 -8.95 -7.54 19.02
C VAL B 167 -9.16 -6.79 20.34
N ASP B 168 -8.99 -5.46 20.30
CA ASP B 168 -9.12 -4.65 21.51
C ASP B 168 -10.54 -4.34 21.92
N TYR B 169 -11.41 -4.10 20.94
CA TYR B 169 -12.82 -3.81 21.20
C TYR B 169 -13.64 -4.67 20.24
N CYS B 170 -14.57 -5.43 20.79
CA CYS B 170 -15.39 -6.31 19.99
C CYS B 170 -16.86 -6.19 20.40
N GLY B 171 -17.74 -6.07 19.41
CA GLY B 171 -19.15 -5.92 19.69
C GLY B 171 -19.86 -7.20 20.06
N PHE B 172 -19.94 -8.13 19.11
CA PHE B 172 -20.62 -9.39 19.34
C PHE B 172 -19.89 -10.59 18.76
N LYS B 173 -19.94 -11.71 19.47
CA LYS B 173 -19.33 -12.95 19.00
C LYS B 173 -20.49 -13.69 18.37
N ILE B 174 -20.28 -14.22 17.17
CA ILE B 174 -21.33 -14.95 16.48
C ILE B 174 -20.85 -16.29 15.94
N PRO B 175 -21.77 -17.25 15.76
CA PRO B 175 -21.45 -18.59 15.24
C PRO B 175 -21.01 -18.47 13.80
N ASP B 176 -20.48 -19.55 13.25
CA ASP B 176 -20.01 -19.51 11.87
C ASP B 176 -21.13 -19.68 10.82
N LYS B 177 -21.91 -18.61 10.66
CA LYS B 177 -23.01 -18.59 9.69
C LYS B 177 -22.74 -17.40 8.78
N PHE B 178 -23.29 -17.40 7.57
CA PHE B 178 -23.08 -16.24 6.70
C PHE B 178 -24.12 -15.22 7.13
N VAL B 179 -23.64 -14.12 7.68
CA VAL B 179 -24.51 -13.06 8.15
C VAL B 179 -24.49 -11.88 7.19
N VAL B 180 -25.55 -11.08 7.25
CA VAL B 180 -25.67 -9.89 6.42
C VAL B 180 -26.30 -8.79 7.25
N GLY B 181 -26.18 -7.56 6.79
CA GLY B 181 -26.75 -6.44 7.51
C GLY B 181 -25.71 -5.52 8.13
N TYR B 182 -26.15 -4.34 8.54
CA TYR B 182 -25.30 -3.35 9.16
C TYR B 182 -23.95 -3.27 8.45
N GLY B 183 -23.98 -3.22 7.13
CA GLY B 183 -22.76 -3.12 6.35
C GLY B 183 -22.31 -4.39 5.63
N LEU B 184 -22.68 -5.55 6.17
CA LEU B 184 -22.31 -6.82 5.57
C LEU B 184 -23.23 -7.23 4.45
N ASP B 185 -22.63 -7.63 3.33
CA ASP B 185 -23.40 -7.99 2.16
C ASP B 185 -23.15 -9.39 1.70
N TYR B 186 -23.92 -9.72 0.66
CA TYR B 186 -23.81 -10.95 -0.08
C TYR B 186 -24.09 -10.47 -1.49
N ALA B 187 -23.07 -10.45 -2.33
CA ALA B 187 -23.22 -10.00 -3.71
C ALA B 187 -23.64 -8.54 -3.80
N GLU B 188 -23.12 -7.73 -2.87
CA GLU B 188 -23.39 -6.29 -2.78
C GLU B 188 -24.75 -5.91 -2.22
N LYS B 189 -25.57 -6.91 -1.90
CA LYS B 189 -26.90 -6.68 -1.34
C LYS B 189 -26.95 -6.84 0.18
N TYR B 190 -28.04 -6.36 0.77
CA TYR B 190 -28.30 -6.46 2.20
C TYR B 190 -27.47 -5.61 3.16
N ARG B 191 -26.56 -4.80 2.66
CA ARG B 191 -25.76 -3.99 3.57
C ARG B 191 -26.66 -3.07 4.38
N ASN B 192 -27.76 -2.62 3.78
CA ASN B 192 -28.66 -1.68 4.43
C ASN B 192 -29.65 -2.20 5.46
N LEU B 193 -29.68 -3.51 5.69
CA LEU B 193 -30.59 -4.03 6.72
C LEU B 193 -30.09 -3.43 8.04
N PRO B 194 -31.01 -2.95 8.88
CA PRO B 194 -30.61 -2.35 10.16
C PRO B 194 -30.36 -3.34 11.31
N PHE B 195 -30.38 -4.63 10.98
CA PHE B 195 -30.14 -5.69 11.96
C PHE B 195 -29.18 -6.70 11.34
N ILE B 196 -28.66 -7.61 12.16
CA ILE B 196 -27.73 -8.64 11.69
C ILE B 196 -28.56 -9.89 11.51
N GLY B 197 -28.63 -10.38 10.28
CA GLY B 197 -29.40 -11.58 10.02
C GLY B 197 -28.62 -12.65 9.29
N VAL B 198 -29.13 -13.87 9.37
CA VAL B 198 -28.54 -15.02 8.71
C VAL B 198 -29.21 -15.19 7.35
N LEU B 199 -28.42 -15.24 6.28
CA LEU B 199 -28.95 -15.38 4.94
C LEU B 199 -29.37 -16.84 4.69
N LYS B 200 -30.53 -17.03 4.08
CA LYS B 200 -30.99 -18.39 3.78
C LYS B 200 -29.98 -19.05 2.85
N PRO B 201 -29.42 -20.21 3.26
CA PRO B 201 -28.44 -20.95 2.46
C PRO B 201 -28.82 -21.12 0.99
N GLU B 202 -30.11 -21.27 0.72
CA GLU B 202 -30.56 -21.43 -0.66
C GLU B 202 -30.13 -20.23 -1.52
N LEU B 203 -30.05 -19.05 -0.91
CA LEU B 203 -29.65 -17.84 -1.62
C LEU B 203 -28.17 -17.84 -2.02
N TYR B 204 -27.42 -18.85 -1.58
CA TYR B 204 -25.99 -18.91 -1.91
C TYR B 204 -25.41 -20.33 -1.94
#